data_3D3Z
#
_entry.id   3D3Z
#
_cell.length_a   78.279
_cell.length_b   78.279
_cell.length_c   103.968
_cell.angle_alpha   90.00
_cell.angle_beta   90.00
_cell.angle_gamma   120.00
#
_symmetry.space_group_name_H-M   'P 32 2 1'
#
loop_
_entity.id
_entity.type
_entity.pdbx_description
1 polymer Actibind
2 branched 2-acetamido-2-deoxy-beta-D-glucopyranose-(1-4)-2-acetamido-2-deoxy-beta-D-glucopyranose
3 non-polymer 2-acetamido-2-deoxy-beta-D-glucopyranose
4 non-polymer 'PHOSPHATE ION'
5 non-polymer 1-(5-deoxy-beta-L-xylofuranosyl)pyrimidine-2,4(1H,3H)-dione
6 non-polymer 1,2-ETHANEDIOL
7 water water
#
_entity_poly.entity_id   1
_entity_poly.type   'polypeptide(L)'
_entity_poly.pdbx_seq_one_letter_code
;TIDTCSSDSPLSCQTDNEASCCFNSPGGSLLQTQFWDYDPSDGPSDSWTIHGLWPDNCDGTYQEYCDESREYSNITSILE
AQNRTELLSYMKEYWPDYEGADEDESFWEHEWNKHGTCINTIEPSCYTDYYAQEEVGDFFQQVVDLFKTLDSYTALSDAG
ITPSEDATYKLSDIEDALAAIHDGYPPYVGCEDGALSQLYYYFNVKGSAIGGTYVASERLEDSNCKDSGIKYPPKYSSSK
KIYGSSL
;
_entity_poly.pdbx_strand_id   A
#
loop_
_chem_comp.id
_chem_comp.type
_chem_comp.name
_chem_comp.formula
D3Z non-polymer 1-(5-deoxy-beta-L-xylofuranosyl)pyrimidine-2,4(1H,3H)-dione 'C9 H12 N2 O5'
EDO non-polymer 1,2-ETHANEDIOL 'C2 H6 O2'
NAG D-saccharide, beta linking 2-acetamido-2-deoxy-beta-D-glucopyranose 'C8 H15 N O6'
PO4 non-polymer 'PHOSPHATE ION' 'O4 P -3'
#
# COMPACT_ATOMS: atom_id res chain seq x y z
N THR A 1 3.52 18.88 13.51
CA THR A 1 3.24 17.74 12.58
C THR A 1 4.49 16.84 12.52
N ILE A 2 4.55 15.89 11.61
N ILE A 2 4.54 15.96 11.53
CA ILE A 2 5.72 15.00 11.60
CA ILE A 2 5.70 15.06 11.33
C ILE A 2 7.01 15.79 11.30
C ILE A 2 7.04 15.81 11.20
N ASP A 3 8.08 15.37 11.95
N ASP A 3 8.06 15.27 11.86
N ASP A 3 8.01 15.29 11.92
CA ASP A 3 9.35 15.97 11.63
CA ASP A 3 9.41 15.76 11.65
CA ASP A 3 9.37 15.73 11.60
C ASP A 3 9.80 15.63 10.23
C ASP A 3 9.75 15.63 10.15
C ASP A 3 9.74 15.61 10.12
N THR A 4 10.56 16.55 9.65
CA THR A 4 10.98 16.52 8.27
C THR A 4 12.40 16.02 8.26
N CYS A 5 12.78 15.35 7.19
CA CYS A 5 14.13 14.85 7.04
C CYS A 5 14.64 15.41 5.72
N SER A 6 15.96 15.50 5.58
CA SER A 6 16.55 16.00 4.35
C SER A 6 16.13 15.11 3.15
N SER A 7 15.89 15.76 2.00
CA SER A 7 15.61 15.02 0.77
C SER A 7 16.82 14.19 0.31
N ASP A 8 17.99 14.43 0.87
N ASP A 8 17.98 14.48 0.91
CA ASP A 8 19.10 13.53 0.59
CA ASP A 8 19.21 13.71 0.72
C ASP A 8 19.39 12.58 1.76
C ASP A 8 19.36 12.52 1.69
N SER A 9 18.34 12.25 2.51
CA SER A 9 18.44 11.23 3.56
C SER A 9 18.85 9.88 2.92
N PRO A 10 19.57 9.02 3.66
CA PRO A 10 20.00 7.75 3.09
C PRO A 10 18.84 6.72 2.91
N LEU A 11 18.89 6.03 1.77
CA LEU A 11 17.86 5.11 1.35
C LEU A 11 17.81 3.89 2.28
N SER A 12 16.60 3.56 2.75
CA SER A 12 16.41 2.36 3.56
C SER A 12 16.78 1.11 2.72
N CYS A 13 17.18 0.08 3.43
CA CYS A 13 17.65 -1.22 2.91
C CYS A 13 18.91 -1.16 2.09
N GLN A 14 18.99 -0.19 1.17
CA GLN A 14 20.12 -0.01 0.28
C GLN A 14 21.33 0.63 0.96
N THR A 15 21.20 1.06 2.23
CA THR A 15 22.32 1.64 3.01
C THR A 15 22.36 1.05 4.39
N ASP A 16 23.50 1.22 5.06
N ASP A 16 23.53 1.11 5.03
CA ASP A 16 23.70 0.72 6.40
CA ASP A 16 23.69 0.70 6.41
C ASP A 16 23.63 1.83 7.46
C ASP A 16 23.54 1.97 7.24
N ASN A 17 22.45 2.07 8.01
CA ASN A 17 22.22 3.20 8.92
C ASN A 17 21.37 2.78 10.11
N GLU A 18 21.41 3.57 11.19
CA GLU A 18 20.67 3.24 12.41
C GLU A 18 19.25 3.78 12.32
N ALA A 19 18.32 2.96 12.81
CA ALA A 19 16.90 3.26 12.90
C ALA A 19 16.69 4.53 13.71
N SER A 20 15.90 5.43 13.16
CA SER A 20 15.60 6.70 13.79
C SER A 20 14.34 7.20 13.16
N CYS A 21 13.89 8.36 13.61
CA CYS A 21 12.81 9.01 12.91
C CYS A 21 13.04 9.31 11.43
N CYS A 22 14.31 9.34 10.98
CA CYS A 22 14.62 9.62 9.61
C CYS A 22 15.24 8.43 8.87
N PHE A 23 15.06 7.23 9.44
CA PHE A 23 15.50 6.00 8.78
C PHE A 23 14.61 4.79 9.07
N ASN A 24 13.95 4.28 8.04
CA ASN A 24 13.07 3.13 8.16
C ASN A 24 13.87 1.83 8.27
N SER A 25 13.81 1.22 9.45
CA SER A 25 14.56 0.05 9.80
C SER A 25 14.01 -0.50 11.09
N PRO A 26 13.86 -1.84 11.16
CA PRO A 26 14.25 -2.86 10.16
C PRO A 26 13.30 -2.94 8.95
N GLY A 27 12.14 -2.31 9.07
CA GLY A 27 11.16 -2.26 7.98
C GLY A 27 11.49 -1.24 6.91
N GLY A 28 12.55 -1.50 6.16
CA GLY A 28 13.03 -0.61 5.12
C GLY A 28 12.47 -0.84 3.74
N SER A 29 11.76 -1.95 3.55
CA SER A 29 11.05 -2.23 2.31
C SER A 29 9.57 -1.96 2.54
N LEU A 30 9.06 -0.93 1.89
CA LEU A 30 7.68 -0.50 2.08
C LEU A 30 6.86 -0.95 0.87
N LEU A 31 5.82 -1.73 1.13
CA LEU A 31 4.97 -2.32 0.09
C LEU A 31 3.64 -1.62 0.03
N GLN A 32 3.37 -0.96 -1.08
CA GLN A 32 2.04 -0.45 -1.35
C GLN A 32 1.29 -1.57 -2.09
N THR A 33 0.28 -2.11 -1.42
CA THR A 33 -0.41 -3.32 -1.92
C THR A 33 -1.83 -2.97 -2.40
N GLN A 34 -2.29 -3.66 -3.44
CA GLN A 34 -3.57 -3.41 -4.05
C GLN A 34 -4.39 -4.67 -4.34
N PHE A 35 -5.70 -4.52 -4.47
CA PHE A 35 -6.60 -5.60 -4.83
C PHE A 35 -7.33 -5.35 -6.13
N TRP A 36 -7.63 -6.43 -6.85
CA TRP A 36 -8.65 -6.47 -7.90
C TRP A 36 -9.80 -7.40 -7.41
N ASP A 37 -10.86 -6.80 -6.83
CA ASP A 37 -11.94 -7.54 -6.24
C ASP A 37 -13.06 -7.63 -7.28
N TYR A 38 -13.26 -8.84 -7.86
CA TYR A 38 -14.28 -9.07 -8.94
C TYR A 38 -15.49 -9.93 -8.47
N ASP A 39 -15.29 -10.80 -7.47
CA ASP A 39 -16.39 -11.58 -6.98
C ASP A 39 -16.34 -11.79 -5.48
N PRO A 40 -16.98 -10.91 -4.69
CA PRO A 40 -17.76 -9.75 -5.10
C PRO A 40 -16.87 -8.60 -5.56
N SER A 41 -17.41 -7.81 -6.48
CA SER A 41 -16.78 -6.60 -6.94
C SER A 41 -16.95 -5.37 -5.97
N ASP A 42 -15.94 -4.51 -5.95
CA ASP A 42 -15.97 -3.24 -5.18
C ASP A 42 -15.16 -2.21 -6.00
N GLY A 43 -15.30 -0.93 -5.64
CA GLY A 43 -14.52 0.12 -6.27
C GLY A 43 -15.05 0.42 -7.64
N PRO A 44 -14.38 1.36 -8.32
CA PRO A 44 -14.80 1.62 -9.70
C PRO A 44 -14.51 0.38 -10.58
N SER A 45 -15.31 0.24 -11.62
N SER A 45 -15.33 0.22 -11.62
CA SER A 45 -15.16 -0.88 -12.58
CA SER A 45 -15.15 -0.86 -12.60
C SER A 45 -13.77 -0.82 -13.24
C SER A 45 -13.73 -0.83 -13.17
N ASP A 46 -13.17 0.38 -13.27
CA ASP A 46 -11.89 0.60 -13.94
C ASP A 46 -10.77 1.10 -13.01
N SER A 47 -10.78 0.62 -11.78
CA SER A 47 -9.69 0.88 -10.87
C SER A 47 -9.51 -0.27 -9.94
N TRP A 48 -8.27 -0.52 -9.62
CA TRP A 48 -7.91 -1.36 -8.51
C TRP A 48 -8.18 -0.54 -7.25
N THR A 49 -8.13 -1.23 -6.11
CA THR A 49 -8.34 -0.65 -4.77
C THR A 49 -7.14 -0.93 -3.86
N ILE A 50 -7.11 -0.25 -2.72
CA ILE A 50 -6.07 -0.33 -1.72
C ILE A 50 -6.27 -1.55 -0.84
N HIS A 51 -5.19 -2.25 -0.63
CA HIS A 51 -5.09 -3.23 0.43
C HIS A 51 -4.39 -2.58 1.64
N GLY A 52 -3.20 -2.06 1.44
CA GLY A 52 -2.42 -1.40 2.50
C GLY A 52 -1.06 -0.85 2.13
N LEU A 53 -0.28 -0.63 3.18
CA LEU A 53 1.12 -0.23 3.14
C LEU A 53 1.83 -1.00 4.24
N TRP A 54 2.81 -1.83 3.87
CA TRP A 54 3.41 -2.79 4.76
C TRP A 54 4.90 -2.59 4.81
N PRO A 55 5.45 -2.47 6.02
CA PRO A 55 6.91 -2.54 6.23
C PRO A 55 7.47 -3.98 6.25
N ASP A 56 8.26 -4.34 5.26
CA ASP A 56 8.95 -5.59 5.26
C ASP A 56 10.37 -5.28 5.67
N ASN A 57 10.95 -6.26 6.36
CA ASN A 57 12.37 -6.35 6.49
C ASN A 57 13.03 -6.45 5.13
N CYS A 58 14.31 -6.12 5.11
CA CYS A 58 15.01 -6.05 3.83
C CYS A 58 15.17 -7.43 3.17
N ASP A 59 15.10 -8.49 3.97
CA ASP A 59 15.18 -9.87 3.47
C ASP A 59 13.82 -10.46 3.08
N GLY A 60 12.76 -9.66 3.10
CA GLY A 60 11.43 -10.14 2.74
C GLY A 60 10.58 -10.68 3.88
N THR A 61 11.19 -10.92 5.05
CA THR A 61 10.42 -11.25 6.22
C THR A 61 9.67 -9.99 6.70
N TYR A 62 8.87 -10.09 7.74
CA TYR A 62 8.26 -8.86 8.23
C TYR A 62 7.86 -9.08 9.67
N GLN A 63 7.64 -7.95 10.36
N GLN A 63 7.64 -8.01 10.42
N GLN A 63 7.64 -7.99 10.40
CA GLN A 63 7.06 -7.89 11.70
CA GLN A 63 6.98 -8.17 11.72
CA GLN A 63 7.01 -8.09 11.71
C GLN A 63 5.55 -7.63 11.55
C GLN A 63 5.56 -7.66 11.57
C GLN A 63 5.56 -7.63 11.57
N GLU A 64 4.77 -7.88 12.60
CA GLU A 64 3.37 -7.54 12.60
C GLU A 64 2.96 -7.25 14.04
N TYR A 65 1.96 -6.39 14.19
CA TYR A 65 1.37 -6.10 15.50
C TYR A 65 2.44 -5.62 16.47
N CYS A 66 3.14 -4.56 16.07
CA CYS A 66 4.41 -4.16 16.77
C CYS A 66 4.18 -3.27 18.00
N ASP A 67 2.97 -2.78 18.20
CA ASP A 67 2.71 -1.95 19.40
C ASP A 67 1.29 -1.98 19.84
N GLU A 68 1.05 -2.83 20.81
CA GLU A 68 -0.26 -3.06 21.34
C GLU A 68 -0.85 -1.81 21.97
N SER A 69 0.00 -0.92 22.45
CA SER A 69 -0.44 0.30 23.07
C SER A 69 -0.97 1.35 22.08
N ARG A 70 -0.73 1.11 20.81
CA ARG A 70 -1.20 1.95 19.74
C ARG A 70 -2.07 1.19 18.76
N GLU A 71 -2.77 0.17 19.22
CA GLU A 71 -3.79 -0.52 18.43
C GLU A 71 -5.16 0.00 18.78
N TYR A 72 -6.00 0.16 17.76
CA TYR A 72 -7.25 0.87 17.88
C TYR A 72 -8.37 0.09 17.26
N SER A 73 -9.56 0.38 17.76
CA SER A 73 -10.79 -0.18 17.24
C SER A 73 -11.76 0.91 16.87
N ASN A 74 -11.22 2.07 16.53
CA ASN A 74 -12.02 3.22 16.21
C ASN A 74 -11.43 4.13 15.15
N ILE A 75 -10.92 3.53 14.07
CA ILE A 75 -10.29 4.31 13.01
C ILE A 75 -11.17 5.38 12.42
N THR A 76 -12.42 5.03 12.14
CA THR A 76 -13.35 5.96 11.53
C THR A 76 -13.54 7.22 12.44
N SER A 77 -13.72 6.97 13.72
CA SER A 77 -13.78 8.06 14.69
C SER A 77 -12.51 8.89 14.80
N ILE A 78 -11.35 8.24 14.68
CA ILE A 78 -10.07 8.96 14.75
C ILE A 78 -9.99 9.91 13.56
N LEU A 79 -10.35 9.42 12.37
CA LEU A 79 -10.30 10.24 11.17
C LEU A 79 -11.30 11.40 11.24
N GLU A 80 -12.50 11.12 11.72
CA GLU A 80 -13.51 12.16 11.87
C GLU A 80 -13.09 13.25 12.85
N ALA A 81 -12.58 12.84 14.01
CA ALA A 81 -12.05 13.78 15.00
C ALA A 81 -10.93 14.67 14.47
N GLN A 82 -10.17 14.20 13.47
CA GLN A 82 -9.09 14.94 12.89
C GLN A 82 -9.53 15.72 11.68
N ASN A 83 -10.84 15.74 11.44
CA ASN A 83 -11.47 16.42 10.30
C ASN A 83 -10.98 15.92 8.94
N ARG A 84 -10.62 14.64 8.87
CA ARG A 84 -10.12 14.07 7.60
C ARG A 84 -11.26 13.44 6.84
N THR A 85 -12.25 14.30 6.57
CA THR A 85 -13.54 13.91 5.97
C THR A 85 -13.39 13.51 4.49
N GLU A 86 -12.56 14.20 3.72
N GLU A 86 -12.54 14.24 3.79
CA GLU A 86 -12.35 13.82 2.33
CA GLU A 86 -12.19 13.98 2.40
C GLU A 86 -11.57 12.51 2.24
C GLU A 86 -11.57 12.58 2.28
N LEU A 87 -10.62 12.32 3.15
CA LEU A 87 -9.87 11.09 3.23
C LEU A 87 -10.76 9.90 3.55
N LEU A 88 -11.63 10.05 4.57
CA LEU A 88 -12.52 8.97 4.91
C LEU A 88 -13.48 8.61 3.75
N SER A 89 -14.02 9.61 3.04
CA SER A 89 -14.87 9.42 1.85
C SER A 89 -14.11 8.66 0.75
N TYR A 90 -12.88 9.11 0.50
CA TYR A 90 -12.01 8.45 -0.42
C TYR A 90 -11.71 6.98 0.02
N MET A 91 -11.45 6.74 1.30
CA MET A 91 -11.24 5.39 1.75
C MET A 91 -12.42 4.44 1.56
N LYS A 92 -13.64 4.96 1.79
CA LYS A 92 -14.82 4.21 1.49
C LYS A 92 -14.91 3.75 0.02
N GLU A 93 -14.45 4.60 -0.89
CA GLU A 93 -14.47 4.34 -2.32
C GLU A 93 -13.31 3.42 -2.81
N TYR A 94 -12.10 3.74 -2.35
CA TYR A 94 -10.87 3.17 -2.86
C TYR A 94 -10.13 2.25 -1.91
N TRP A 95 -10.57 2.18 -0.64
CA TRP A 95 -10.04 1.23 0.32
C TRP A 95 -11.19 0.40 0.94
N PRO A 96 -12.10 -0.08 0.10
CA PRO A 96 -13.21 -0.83 0.63
C PRO A 96 -12.85 -2.25 1.13
N ASP A 97 -13.59 -2.72 2.13
CA ASP A 97 -13.72 -4.11 2.40
C ASP A 97 -14.76 -4.72 1.39
N TYR A 98 -14.32 -5.74 0.64
CA TYR A 98 -15.17 -6.37 -0.41
C TYR A 98 -16.56 -6.77 0.12
N GLU A 99 -16.62 -7.17 1.37
CA GLU A 99 -17.85 -7.65 1.96
C GLU A 99 -18.91 -6.55 2.14
N GLY A 100 -18.45 -5.31 2.28
CA GLY A 100 -19.38 -4.19 2.33
C GLY A 100 -18.82 -3.09 3.21
N ALA A 101 -19.48 -1.94 3.11
CA ALA A 101 -19.07 -0.71 3.81
C ALA A 101 -18.99 -0.92 5.31
N ASP A 102 -19.89 -1.75 5.84
CA ASP A 102 -19.92 -2.00 7.30
C ASP A 102 -18.72 -2.76 7.85
N GLU A 103 -17.95 -3.42 6.96
CA GLU A 103 -16.73 -4.11 7.35
C GLU A 103 -15.47 -3.23 7.09
N ASP A 104 -15.63 -2.08 6.45
CA ASP A 104 -14.48 -1.16 6.26
C ASP A 104 -13.69 -0.93 7.56
N GLU A 105 -14.40 -0.61 8.66
CA GLU A 105 -13.80 -0.27 9.93
C GLU A 105 -12.85 -1.35 10.41
N SER A 106 -13.33 -2.61 10.37
N SER A 106 -13.31 -2.60 10.39
CA SER A 106 -12.53 -3.76 10.82
CA SER A 106 -12.49 -3.72 10.88
C SER A 106 -11.28 -3.91 9.96
C SER A 106 -11.30 -4.01 9.95
N PHE A 107 -11.43 -3.69 8.67
CA PHE A 107 -10.33 -3.83 7.70
C PHE A 107 -9.26 -2.75 7.96
N TRP A 108 -9.70 -1.51 8.12
CA TRP A 108 -8.78 -0.39 8.42
C TRP A 108 -8.06 -0.57 9.78
N GLU A 109 -8.83 -1.00 10.78
CA GLU A 109 -8.22 -1.43 12.06
C GLU A 109 -7.14 -2.43 11.81
N HIS A 110 -7.46 -3.47 11.05
CA HIS A 110 -6.47 -4.54 10.75
C HIS A 110 -5.19 -4.00 10.14
N GLU A 111 -5.33 -3.19 9.10
CA GLU A 111 -4.15 -2.66 8.47
C GLU A 111 -3.27 -1.77 9.38
N TRP A 112 -3.88 -0.85 10.09
CA TRP A 112 -3.15 0.03 11.04
C TRP A 112 -2.50 -0.86 12.12
N ASN A 113 -3.33 -1.65 12.81
CA ASN A 113 -2.83 -2.48 13.93
C ASN A 113 -1.75 -3.44 13.55
N LYS A 114 -1.91 -4.14 12.44
CA LYS A 114 -0.92 -5.13 12.01
C LYS A 114 0.33 -4.53 11.45
N HIS A 115 0.15 -3.57 10.55
CA HIS A 115 1.25 -3.03 9.76
C HIS A 115 1.69 -1.56 10.06
N GLY A 116 0.74 -0.65 10.20
CA GLY A 116 1.04 0.78 10.54
C GLY A 116 1.90 0.88 11.82
N THR A 117 1.61 0.03 12.82
CA THR A 117 2.31 0.04 14.11
C THR A 117 3.74 -0.43 13.99
N CYS A 118 4.08 -1.01 12.84
CA CYS A 118 5.42 -1.53 12.57
C CYS A 118 6.29 -0.58 11.74
N ILE A 119 5.76 0.58 11.37
CA ILE A 119 6.54 1.58 10.63
C ILE A 119 7.25 2.46 11.71
N ASN A 120 8.54 2.22 11.90
CA ASN A 120 9.25 2.86 13.00
C ASN A 120 9.26 4.39 12.93
N THR A 121 9.23 4.96 11.72
CA THR A 121 9.36 6.40 11.53
C THR A 121 8.03 7.20 11.75
N ILE A 122 6.98 6.48 12.18
N ILE A 122 6.92 6.50 11.98
CA ILE A 122 5.59 7.00 12.35
CA ILE A 122 5.68 7.14 12.44
C ILE A 122 5.26 7.28 13.81
C ILE A 122 5.44 6.61 13.84
N GLU A 123 6.14 6.85 14.70
N GLU A 123 6.19 7.24 14.73
CA GLU A 123 5.84 6.90 16.11
CA GLU A 123 6.05 7.09 16.14
C GLU A 123 5.65 8.36 16.60
C GLU A 123 5.65 8.48 16.60
N PRO A 124 4.85 8.55 17.65
CA PRO A 124 4.58 9.88 18.19
C PRO A 124 5.82 10.74 18.52
N SER A 125 6.90 10.07 18.95
N SER A 125 6.92 10.12 18.97
CA SER A 125 8.18 10.70 19.21
CA SER A 125 8.18 10.87 19.19
C SER A 125 8.85 11.33 17.99
C SER A 125 8.75 11.54 17.95
N CYS A 126 8.32 11.10 16.77
CA CYS A 126 8.79 11.69 15.51
C CYS A 126 8.00 12.93 15.11
N TYR A 127 7.12 13.38 16.01
CA TYR A 127 6.28 14.54 15.78
C TYR A 127 6.72 15.77 16.61
N THR A 128 6.54 16.96 16.02
CA THR A 128 6.45 18.20 16.81
C THR A 128 5.00 18.50 17.14
N ASP A 129 4.74 18.90 18.39
CA ASP A 129 3.39 19.22 18.79
C ASP A 129 2.46 18.07 18.40
N TYR A 130 2.86 16.85 18.77
CA TYR A 130 2.08 15.63 18.56
C TYR A 130 0.74 15.79 19.25
N TYR A 131 -0.34 15.40 18.58
CA TYR A 131 -1.62 15.19 19.28
C TYR A 131 -2.06 13.72 19.19
N ALA A 132 -2.77 13.25 20.20
CA ALA A 132 -3.22 11.86 20.29
C ALA A 132 -3.71 11.27 18.92
N GLN A 133 -3.06 10.21 18.49
CA GLN A 133 -3.39 9.45 17.23
C GLN A 133 -3.18 10.21 15.94
N GLU A 134 -2.36 11.28 16.01
CA GLU A 134 -2.05 12.06 14.81
C GLU A 134 -1.45 11.14 13.75
N GLU A 135 -0.56 10.24 14.19
CA GLU A 135 0.14 9.35 13.25
C GLU A 135 -0.75 8.30 12.54
N VAL A 136 -1.89 7.98 13.17
CA VAL A 136 -2.90 7.09 12.58
C VAL A 136 -3.49 7.76 11.36
N GLY A 137 -3.97 8.99 11.49
CA GLY A 137 -4.52 9.69 10.35
C GLY A 137 -3.51 9.96 9.24
N ASP A 138 -2.29 10.34 9.65
CA ASP A 138 -1.24 10.61 8.69
C ASP A 138 -0.90 9.35 7.85
N PHE A 139 -0.92 8.19 8.51
CA PHE A 139 -0.67 6.89 7.88
C PHE A 139 -1.71 6.64 6.77
N PHE A 140 -2.99 6.77 7.08
CA PHE A 140 -4.06 6.57 6.11
C PHE A 140 -3.93 7.53 4.96
N GLN A 141 -3.67 8.80 5.26
CA GLN A 141 -3.33 9.79 4.22
C GLN A 141 -2.13 9.38 3.34
N GLN A 142 -1.04 8.92 3.93
CA GLN A 142 0.19 8.53 3.21
C GLN A 142 -0.10 7.34 2.25
N VAL A 143 -0.81 6.32 2.75
CA VAL A 143 -1.18 5.14 1.90
C VAL A 143 -1.93 5.62 0.65
N VAL A 144 -2.89 6.47 0.89
CA VAL A 144 -3.71 7.07 -0.17
C VAL A 144 -2.85 7.86 -1.14
N ASP A 145 -1.96 8.69 -0.59
CA ASP A 145 -1.09 9.52 -1.44
C ASP A 145 -0.23 8.64 -2.39
N LEU A 146 0.33 7.58 -1.86
CA LEU A 146 1.18 6.65 -2.65
C LEU A 146 0.35 5.85 -3.65
N PHE A 147 -0.77 5.32 -3.19
CA PHE A 147 -1.71 4.63 -4.09
C PHE A 147 -2.08 5.47 -5.30
N LYS A 148 -2.35 6.75 -5.08
CA LYS A 148 -2.71 7.64 -6.21
C LYS A 148 -1.63 7.66 -7.30
N THR A 149 -0.41 7.36 -6.95
CA THR A 149 0.65 7.43 -7.95
C THR A 149 0.79 6.09 -8.71
N LEU A 150 -0.01 5.09 -8.35
CA LEU A 150 0.18 3.69 -8.82
C LEU A 150 -1.10 3.18 -9.42
N ASP A 151 -1.55 3.83 -10.50
CA ASP A 151 -2.80 3.49 -11.17
C ASP A 151 -2.54 2.27 -12.10
N SER A 152 -2.57 1.12 -11.47
CA SER A 152 -2.47 -0.22 -12.08
C SER A 152 -3.41 -0.42 -13.26
N TYR A 153 -4.70 -0.10 -13.10
CA TYR A 153 -5.66 -0.27 -14.19
C TYR A 153 -5.23 0.44 -15.47
N THR A 154 -4.83 1.70 -15.35
CA THR A 154 -4.41 2.48 -16.50
C THR A 154 -3.08 2.00 -17.06
N ALA A 155 -2.14 1.65 -16.20
CA ALA A 155 -0.86 1.13 -16.68
C ALA A 155 -1.09 -0.15 -17.51
N LEU A 156 -1.99 -1.01 -17.02
CA LEU A 156 -2.36 -2.24 -17.73
C LEU A 156 -3.11 -1.92 -19.03
N SER A 157 -4.11 -1.09 -18.92
CA SER A 157 -4.87 -0.66 -20.07
C SER A 157 -4.03 -0.13 -21.24
N ASP A 158 -3.01 0.67 -20.90
CA ASP A 158 -2.14 1.36 -21.87
C ASP A 158 -1.28 0.38 -22.64
N ALA A 159 -1.05 -0.78 -22.02
CA ALA A 159 -0.35 -1.91 -22.59
C ALA A 159 -1.31 -2.94 -23.19
N GLY A 160 -2.57 -2.55 -23.41
CA GLY A 160 -3.57 -3.41 -24.01
C GLY A 160 -4.12 -4.54 -23.13
N ILE A 161 -3.94 -4.44 -21.81
CA ILE A 161 -4.41 -5.47 -20.87
C ILE A 161 -5.63 -4.90 -20.09
N THR A 162 -6.82 -5.30 -20.50
CA THR A 162 -8.06 -4.84 -19.88
C THR A 162 -8.91 -6.03 -19.44
N PRO A 163 -9.76 -5.82 -18.42
CA PRO A 163 -10.56 -6.96 -18.01
C PRO A 163 -11.40 -7.53 -19.14
N SER A 164 -11.53 -8.86 -19.18
N SER A 164 -11.54 -8.84 -19.18
CA SER A 164 -12.23 -9.58 -20.27
CA SER A 164 -12.40 -9.48 -20.19
C SER A 164 -12.82 -10.91 -19.80
C SER A 164 -12.84 -10.87 -19.79
N GLU A 165 -14.02 -11.22 -20.26
CA GLU A 165 -14.62 -12.53 -20.01
C GLU A 165 -13.86 -13.63 -20.76
N ASP A 166 -13.25 -13.30 -21.90
N ASP A 166 -13.31 -13.29 -21.92
CA ASP A 166 -12.66 -14.32 -22.79
CA ASP A 166 -12.72 -14.26 -22.86
C ASP A 166 -11.15 -14.25 -22.95
C ASP A 166 -11.19 -14.23 -22.93
N ALA A 167 -10.60 -13.04 -23.03
CA ALA A 167 -9.16 -12.87 -23.19
C ALA A 167 -8.41 -13.40 -21.98
N THR A 168 -7.21 -13.91 -22.22
CA THR A 168 -6.30 -14.28 -21.15
C THR A 168 -4.97 -13.64 -21.43
N TYR A 169 -4.13 -13.62 -20.43
CA TYR A 169 -2.94 -12.78 -20.48
C TYR A 169 -1.71 -13.49 -19.97
N LYS A 170 -0.58 -12.97 -20.41
CA LYS A 170 0.74 -13.49 -20.04
C LYS A 170 1.34 -12.73 -18.85
N LEU A 171 1.94 -13.43 -17.93
CA LEU A 171 2.51 -12.82 -16.74
C LEU A 171 3.51 -11.73 -17.07
N SER A 172 4.38 -12.01 -18.03
CA SER A 172 5.47 -11.10 -18.36
C SER A 172 4.91 -9.80 -18.92
N ASP A 173 3.79 -9.85 -19.65
CA ASP A 173 3.16 -8.65 -20.17
C ASP A 173 2.58 -7.77 -19.04
N ILE A 174 1.94 -8.43 -18.07
CA ILE A 174 1.35 -7.80 -16.86
C ILE A 174 2.49 -7.11 -16.09
N GLU A 175 3.53 -7.87 -15.80
CA GLU A 175 4.72 -7.38 -15.14
C GLU A 175 5.41 -6.20 -15.80
N ASP A 176 5.51 -6.23 -17.14
CA ASP A 176 6.14 -5.15 -17.86
C ASP A 176 5.27 -3.89 -17.82
N ALA A 177 3.96 -4.06 -18.01
CA ALA A 177 3.00 -2.96 -18.04
C ALA A 177 3.03 -2.14 -16.73
N LEU A 178 3.24 -2.87 -15.63
CA LEU A 178 3.17 -2.28 -14.28
C LEU A 178 4.53 -1.76 -13.86
N ALA A 179 5.58 -2.45 -14.32
CA ALA A 179 6.94 -1.99 -14.15
C ALA A 179 7.14 -0.58 -14.73
N ALA A 180 6.35 -0.24 -15.74
CA ALA A 180 6.40 1.04 -16.45
C ALA A 180 5.99 2.26 -15.60
N ILE A 181 5.17 2.02 -14.57
CA ILE A 181 4.80 3.08 -13.61
C ILE A 181 5.56 2.96 -12.28
N HIS A 182 6.61 2.11 -12.25
CA HIS A 182 7.35 1.82 -11.05
C HIS A 182 8.85 1.73 -11.37
N ASP A 183 9.30 2.60 -12.28
N ASP A 183 9.29 2.63 -12.26
CA ASP A 183 10.71 2.76 -12.59
CA ASP A 183 10.71 2.77 -12.61
C ASP A 183 11.37 1.51 -13.16
C ASP A 183 11.37 1.49 -13.14
N GLY A 184 10.60 0.70 -13.88
CA GLY A 184 11.10 -0.58 -14.40
C GLY A 184 11.19 -1.75 -13.44
N TYR A 185 10.78 -1.54 -12.19
CA TYR A 185 10.63 -2.63 -11.24
C TYR A 185 9.19 -3.11 -11.24
N PRO A 186 8.97 -4.39 -11.62
CA PRO A 186 7.63 -4.94 -11.55
C PRO A 186 7.18 -5.11 -10.11
N PRO A 187 5.85 -5.03 -9.87
CA PRO A 187 5.33 -5.43 -8.54
C PRO A 187 5.39 -6.96 -8.39
N TYR A 188 5.27 -7.48 -7.18
CA TYR A 188 4.64 -8.78 -7.01
C TYR A 188 3.25 -8.82 -7.68
N VAL A 189 3.03 -9.84 -8.52
CA VAL A 189 1.73 -10.12 -9.14
C VAL A 189 1.09 -11.38 -8.53
N GLY A 190 -0.08 -11.21 -7.89
CA GLY A 190 -0.76 -12.28 -7.18
C GLY A 190 -2.03 -12.68 -7.90
N CYS A 191 -2.22 -14.00 -8.09
CA CYS A 191 -3.40 -14.57 -8.76
C CYS A 191 -4.18 -15.42 -7.81
N GLU A 192 -5.47 -15.49 -8.04
CA GLU A 192 -6.33 -16.36 -7.27
C GLU A 192 -7.20 -17.11 -8.26
N ASP A 193 -7.20 -18.43 -8.18
CA ASP A 193 -8.05 -19.24 -9.07
C ASP A 193 -7.70 -18.88 -10.52
N GLY A 194 -6.41 -18.75 -10.84
CA GLY A 194 -6.01 -18.26 -12.16
C GLY A 194 -6.43 -16.86 -12.59
N ALA A 195 -6.94 -16.04 -11.66
CA ALA A 195 -7.34 -14.67 -11.97
C ALA A 195 -6.44 -13.65 -11.24
N LEU A 196 -6.11 -12.59 -11.96
CA LEU A 196 -5.37 -11.45 -11.46
C LEU A 196 -6.19 -10.84 -10.28
N SER A 197 -5.49 -10.69 -9.17
CA SER A 197 -6.08 -10.51 -7.84
C SER A 197 -5.36 -9.47 -6.94
N GLN A 198 -4.04 -9.51 -6.86
CA GLN A 198 -3.26 -8.68 -5.93
C GLN A 198 -1.96 -8.16 -6.57
N LEU A 199 -1.53 -7.00 -6.11
CA LEU A 199 -0.28 -6.35 -6.52
C LEU A 199 0.45 -5.79 -5.29
N TYR A 200 1.76 -6.07 -5.19
CA TYR A 200 2.65 -5.40 -4.20
C TYR A 200 3.75 -4.62 -4.91
N TYR A 201 3.68 -3.28 -4.81
CA TYR A 201 4.74 -2.40 -5.31
C TYR A 201 5.70 -2.08 -4.18
N TYR A 202 6.97 -2.46 -4.37
CA TYR A 202 8.02 -2.31 -3.36
C TYR A 202 8.76 -0.99 -3.53
N PHE A 203 9.15 -0.43 -2.39
CA PHE A 203 9.83 0.87 -2.30
C PHE A 203 10.86 0.85 -1.20
N ASN A 204 11.92 1.60 -1.40
CA ASN A 204 12.73 2.03 -0.28
C ASN A 204 12.47 3.54 -0.09
N VAL A 205 12.81 4.03 1.09
CA VAL A 205 12.43 5.39 1.58
C VAL A 205 13.64 6.19 2.06
N LYS A 206 13.70 7.43 1.58
CA LYS A 206 14.63 8.46 2.08
C LYS A 206 13.83 9.35 3.03
N GLY A 207 14.20 9.32 4.29
CA GLY A 207 13.49 10.05 5.32
C GLY A 207 12.39 9.26 6.03
N SER A 208 11.32 9.97 6.34
CA SER A 208 10.22 9.38 7.08
C SER A 208 9.26 8.69 6.12
N ALA A 209 8.59 7.65 6.62
CA ALA A 209 7.50 7.02 5.86
C ALA A 209 6.37 8.00 5.63
N ILE A 210 6.22 9.03 6.50
CA ILE A 210 5.29 10.13 6.23
C ILE A 210 6.01 11.31 5.62
N GLY A 211 5.82 11.52 4.35
CA GLY A 211 6.42 12.64 3.64
C GLY A 211 7.80 12.42 3.07
N GLY A 212 8.43 11.26 3.33
CA GLY A 212 9.70 10.97 2.72
C GLY A 212 9.59 10.63 1.25
N THR A 213 10.73 10.36 0.66
CA THR A 213 10.80 10.09 -0.77
C THR A 213 10.76 8.57 -0.99
N TYR A 214 9.76 8.14 -1.73
CA TYR A 214 9.54 6.70 -1.95
C TYR A 214 10.17 6.35 -3.30
N VAL A 215 11.21 5.54 -3.23
CA VAL A 215 12.01 5.16 -4.41
C VAL A 215 11.70 3.72 -4.79
N ALA A 216 11.21 3.54 -6.02
CA ALA A 216 10.76 2.25 -6.54
C ALA A 216 11.89 1.26 -6.42
N SER A 217 11.60 0.11 -5.80
CA SER A 217 12.63 -0.90 -5.53
C SER A 217 12.22 -2.31 -5.97
N GLU A 218 13.19 -3.20 -5.94
CA GLU A 218 12.97 -4.56 -6.43
C GLU A 218 12.06 -5.40 -5.53
N ARG A 219 11.12 -6.10 -6.16
CA ARG A 219 10.23 -7.01 -5.45
C ARG A 219 10.99 -8.11 -4.74
N LEU A 220 10.61 -8.39 -3.51
CA LEU A 220 11.21 -9.44 -2.72
C LEU A 220 10.38 -10.76 -2.82
N GLU A 221 9.31 -10.73 -3.61
CA GLU A 221 8.50 -11.92 -3.95
C GLU A 221 8.05 -11.64 -5.39
N ASP A 222 8.05 -12.64 -6.28
N ASP A 222 8.01 -12.66 -6.24
CA ASP A 222 7.76 -12.38 -7.72
CA ASP A 222 7.79 -12.44 -7.69
C ASP A 222 6.29 -12.54 -8.13
C ASP A 222 6.34 -12.56 -8.14
N SER A 223 5.77 -13.75 -7.98
CA SER A 223 4.44 -14.03 -8.43
C SER A 223 4.05 -15.45 -8.09
N ASN A 224 2.76 -15.65 -7.89
CA ASN A 224 2.22 -16.98 -7.74
C ASN A 224 1.34 -17.35 -8.91
N CYS A 225 1.42 -16.59 -9.99
CA CYS A 225 0.65 -16.84 -11.18
C CYS A 225 1.41 -17.81 -12.09
N LYS A 226 0.65 -18.45 -12.96
CA LYS A 226 1.19 -19.18 -14.10
C LYS A 226 1.67 -18.18 -15.13
N ASP A 227 2.56 -18.65 -16.01
CA ASP A 227 3.18 -17.76 -16.95
C ASP A 227 2.20 -17.27 -17.97
N SER A 228 1.08 -17.98 -18.09
CA SER A 228 0.03 -17.63 -19.03
C SER A 228 -1.36 -18.19 -18.66
N GLY A 229 -2.34 -17.81 -19.45
CA GLY A 229 -3.73 -18.18 -19.27
C GLY A 229 -4.41 -17.32 -18.22
N ILE A 230 -3.74 -16.22 -17.81
CA ILE A 230 -4.23 -15.39 -16.66
C ILE A 230 -5.50 -14.64 -17.02
N LYS A 231 -6.51 -14.82 -16.18
CA LYS A 231 -7.75 -14.12 -16.38
C LYS A 231 -7.73 -12.79 -15.64
N TYR A 232 -8.35 -11.80 -16.27
CA TYR A 232 -8.55 -10.47 -15.71
C TYR A 232 -10.06 -10.24 -15.66
N PRO A 233 -10.73 -10.78 -14.63
CA PRO A 233 -12.21 -10.77 -14.66
C PRO A 233 -12.81 -9.36 -14.58
N PRO A 234 -13.83 -9.08 -15.42
CA PRO A 234 -14.51 -7.80 -15.36
C PRO A 234 -15.29 -7.66 -14.04
N LYS A 235 -15.23 -6.46 -13.44
CA LYS A 235 -16.05 -6.19 -12.26
C LYS A 235 -17.51 -6.02 -12.67
N TYR A 236 -18.43 -6.38 -11.78
CA TYR A 236 -19.88 -6.15 -11.95
C TYR A 236 -20.35 -6.85 -13.24
N SER A 237 -19.81 -8.04 -13.49
N SER A 237 -19.78 -8.02 -13.49
CA SER A 237 -19.91 -8.66 -14.83
CA SER A 237 -19.92 -8.70 -14.79
C SER A 237 -21.30 -9.12 -15.27
C SER A 237 -21.37 -8.97 -15.16
N SER A 238 -21.96 -9.89 -14.42
CA SER A 238 -23.31 -10.48 -14.75
C SER A 238 -23.22 -11.58 -15.84
C1 NAG B . -10.10 6.00 19.83
C2 NAG B . -10.40 7.36 20.49
C3 NAG B . -9.24 7.75 21.40
C4 NAG B . -8.89 6.63 22.33
C5 NAG B . -8.61 5.35 21.53
C6 NAG B . -8.18 4.16 22.39
C7 NAG B . -11.75 8.89 19.12
C8 NAG B . -11.84 10.06 18.18
N2 NAG B . -10.56 8.42 19.50
O3 NAG B . -9.55 8.96 22.09
O4 NAG B . -7.74 7.09 23.01
O5 NAG B . -9.77 5.03 20.79
O6 NAG B . -9.13 3.93 23.40
O7 NAG B . -12.80 8.38 19.50
C1 NAG B . -7.90 6.99 24.45
C2 NAG B . -6.59 7.32 25.14
C3 NAG B . -6.75 7.31 26.67
C4 NAG B . -7.95 8.16 27.07
C5 NAG B . -9.15 7.64 26.30
C6 NAG B . -10.46 8.33 26.65
C7 NAG B . -4.58 6.69 23.93
C8 NAG B . -3.57 5.62 23.71
N2 NAG B . -5.60 6.35 24.73
O3 NAG B . -5.57 7.75 27.31
O4 NAG B . -8.18 8.07 28.48
O5 NAG B . -8.86 7.89 24.93
O6 NAG B . -10.31 9.68 26.28
O7 NAG B . -4.44 7.80 23.40
C1 NAG C . -10.81 19.38 13.91
C2 NAG C . -9.50 19.73 14.62
C3 NAG C . -9.73 20.14 16.08
C4 NAG C . -10.93 21.10 16.23
C5 NAG C . -12.13 20.67 15.36
C6 NAG C . -13.23 21.72 15.34
C7 NAG C . -7.56 18.67 13.58
C8 NAG C . -6.43 17.72 13.72
N2 NAG C . -8.52 18.65 14.49
O3 NAG C . -8.54 20.74 16.55
O4 NAG C . -11.38 21.17 17.57
O5 NAG C . -11.67 20.50 14.04
O6 NAG C . -12.77 22.85 14.61
O7 NAG C . -7.60 19.41 12.60
P PO4 D . -2.46 -8.28 5.39
O1 PO4 D . -1.10 -8.63 6.02
O2 PO4 D . -2.46 -8.93 4.03
O3 PO4 D . -2.62 -6.78 5.36
O4 PO4 D . -3.43 -8.85 6.38
N1 D3Z E . -9.86 -8.55 2.85
C2 D3Z E . -10.77 -7.60 3.37
N3 D3Z E . -11.26 -6.66 2.57
C4 D3Z E . -10.91 -6.56 1.29
C5 D3Z E . -10.04 -7.49 0.78
C6 D3Z E . -9.51 -8.49 1.58
O2 D3Z E . -11.13 -7.63 4.57
O4 D3Z E . -11.37 -5.69 0.53
C1' D3Z E . -9.30 -9.57 3.69
C2' D3Z E . -9.37 -9.03 5.10
O2' D3Z E . -10.32 -9.76 5.88
C3' D3Z E . -7.94 -9.06 5.63
C4' D3Z E . -7.08 -9.67 4.53
O3' D3Z E . -7.48 -7.76 5.92
O4' D3Z E . -7.93 -9.79 3.37
C5' D3Z E . -5.87 -8.78 4.29
C1 EDO F . -18.34 0.31 -3.14
O1 EDO F . -17.89 -1.00 -3.56
C2 EDO F . -17.15 1.07 -2.57
O2 EDO F . -15.98 0.99 -3.41
C1 EDO G . -12.30 -11.04 -3.10
O1 EDO G . -13.25 -10.34 -3.91
C2 EDO G . -12.98 -11.94 -2.07
O2 EDO G . -13.56 -13.04 -2.78
#